data_4FBH
#
_entry.id   4FBH
#
_cell.length_a   88.360
_cell.length_b   62.590
_cell.length_c   53.180
_cell.angle_alpha   90.00
_cell.angle_beta   108.62
_cell.angle_gamma   90.00
#
_symmetry.space_group_name_H-M   'C 1 2 1'
#
loop_
_entity.id
_entity.type
_entity.pdbx_description
1 polymer 'Protein synthesis inhibitor I'
2 non-polymer 'ADENOSINE MONOPHOSPHATE'
3 water water
#
_entity_poly.entity_id   1
_entity_poly.type   'polypeptide(L)'
_entity_poly.pdbx_seq_one_letter_code
;MAAKMAKNVDKPLFTATFNVQASSADYATFIAGIRNKLRNPAHFSHNRPVLPPVEPNVPPSRWFHVVLKASPTSAGLTLA
IRADNIYLEGFKSSDGTWWELTPGLIPGATYVGFGGTYRDLLGDTDKLTNVALGRQQLADAVTALHGRTKADKPSGPKQQ
QAREAVTTLLLMVNEATRFQTVSGFVAGLLHPKAVEKKSGKIGNEMKAQVNGWQDLSAALLKTDVKPPPGKSPAKFAPIE
KMGVRTAVQAANTLGILLFVEVPGGLTVAKALELFHASGGK
;
_entity_poly.pdbx_strand_id   A
#
loop_
_chem_comp.id
_chem_comp.type
_chem_comp.name
_chem_comp.formula
AMP non-polymer 'ADENOSINE MONOPHOSPHATE' 'C10 H14 N5 O7 P'
#
# COMPACT_ATOMS: atom_id res chain seq x y z
N LYS A 4 -1.60 20.34 -11.22
CA LYS A 4 -0.93 19.20 -10.58
C LYS A 4 -1.89 18.04 -10.31
N MET A 5 -3.04 18.05 -10.99
CA MET A 5 -3.99 16.96 -10.88
C MET A 5 -3.39 15.67 -11.43
N ALA A 6 -3.93 14.54 -11.00
CA ALA A 6 -3.45 13.25 -11.47
C ALA A 6 -3.92 12.99 -12.89
N LYS A 7 -3.20 12.13 -13.60
CA LYS A 7 -3.66 11.63 -14.90
C LYS A 7 -3.88 10.12 -14.81
N ASN A 8 -4.84 9.62 -15.59
CA ASN A 8 -5.06 8.19 -15.77
C ASN A 8 -5.56 7.42 -14.54
N VAL A 9 -6.27 8.10 -13.64
CA VAL A 9 -6.82 7.41 -12.48
C VAL A 9 -7.91 6.44 -12.93
N ASP A 10 -8.60 6.82 -14.00
CA ASP A 10 -9.65 5.99 -14.58
C ASP A 10 -9.10 5.00 -15.61
N LYS A 11 -7.79 4.97 -15.78
CA LYS A 11 -7.13 4.02 -16.68
C LYS A 11 -6.03 3.26 -15.94
N PRO A 12 -6.42 2.34 -15.05
CA PRO A 12 -5.41 1.65 -14.24
C PRO A 12 -4.48 0.78 -15.09
N LEU A 13 -3.23 0.65 -14.66
CA LEU A 13 -2.30 -0.25 -15.33
C LEU A 13 -2.75 -1.70 -15.21
N PHE A 14 -3.38 -2.04 -14.09
CA PHE A 14 -3.99 -3.35 -13.88
C PHE A 14 -5.04 -3.23 -12.78
N THR A 15 -5.88 -4.25 -12.67
CA THR A 15 -6.87 -4.32 -11.60
C THR A 15 -6.68 -5.62 -10.82
N ALA A 16 -6.53 -5.52 -9.51
CA ALA A 16 -6.44 -6.72 -8.67
C ALA A 16 -7.70 -6.84 -7.83
N THR A 17 -8.29 -8.03 -7.83
CA THR A 17 -9.58 -8.26 -7.20
C THR A 17 -9.44 -9.24 -6.04
N PHE A 18 -10.14 -8.98 -4.93
CA PHE A 18 -10.16 -9.91 -3.82
C PHE A 18 -11.57 -10.02 -3.23
N ASN A 19 -12.00 -11.25 -3.00
CA ASN A 19 -13.25 -11.47 -2.28
C ASN A 19 -12.95 -11.65 -0.80
N VAL A 20 -13.64 -10.87 0.01
CA VAL A 20 -13.45 -10.83 1.46
C VAL A 20 -13.62 -12.20 2.13
N GLN A 21 -14.43 -13.07 1.52
CA GLN A 21 -14.76 -14.38 2.09
C GLN A 21 -13.80 -15.50 1.68
N ALA A 22 -12.85 -15.16 0.80
CA ALA A 22 -11.89 -16.12 0.29
C ALA A 22 -10.87 -16.56 1.33
N SER A 23 -10.13 -17.61 1.00
CA SER A 23 -9.15 -18.19 1.91
C SER A 23 -7.82 -17.42 2.01
N SER A 24 -7.06 -17.78 3.04
CA SER A 24 -5.68 -17.37 3.22
C SER A 24 -4.86 -17.47 1.96
N ALA A 25 -4.96 -18.61 1.28
CA ALA A 25 -4.21 -18.89 0.06
C ALA A 25 -4.53 -17.86 -1.01
N ASP A 26 -5.82 -17.60 -1.21
CA ASP A 26 -6.26 -16.64 -2.21
C ASP A 26 -5.75 -15.25 -1.92
N TYR A 27 -5.67 -14.92 -0.63
CA TYR A 27 -5.20 -13.62 -0.19
C TYR A 27 -3.69 -13.47 -0.42
N ALA A 28 -2.93 -14.51 -0.08
CA ALA A 28 -1.49 -14.51 -0.29
C ALA A 28 -1.11 -14.35 -1.76
N THR A 29 -1.86 -14.98 -2.65
CA THR A 29 -1.52 -14.85 -4.08
C THR A 29 -2.05 -13.55 -4.66
N PHE A 30 -3.13 -13.02 -4.09
CA PHE A 30 -3.63 -11.70 -4.45
C PHE A 30 -2.53 -10.63 -4.18
N ILE A 31 -1.95 -10.68 -2.98
CA ILE A 31 -0.82 -9.82 -2.60
C ILE A 31 0.43 -10.04 -3.47
N ALA A 32 0.80 -11.31 -3.67
CA ALA A 32 1.92 -11.65 -4.53
C ALA A 32 1.73 -11.12 -5.95
N GLY A 33 0.53 -11.28 -6.48
CA GLY A 33 0.18 -10.76 -7.79
C GLY A 33 0.39 -9.26 -7.92
N ILE A 34 0.08 -8.52 -6.86
CA ILE A 34 0.21 -7.07 -6.89
C ILE A 34 1.70 -6.69 -6.93
N ARG A 35 2.50 -7.31 -6.06
CA ARG A 35 3.95 -7.11 -6.06
C ARG A 35 4.55 -7.39 -7.45
N ASN A 36 4.23 -8.55 -8.02
CA ASN A 36 4.81 -8.92 -9.32
C ASN A 36 4.48 -7.95 -10.44
N LYS A 37 3.29 -7.37 -10.37
CA LYS A 37 2.87 -6.46 -11.42
C LYS A 37 3.41 -5.03 -11.24
N LEU A 38 3.82 -4.68 -10.03
CA LEU A 38 4.34 -3.35 -9.73
C LEU A 38 5.86 -3.28 -9.91
N ARG A 39 6.50 -4.44 -9.87
CA ARG A 39 7.97 -4.51 -9.88
C ARG A 39 8.58 -3.84 -11.10
N ASN A 40 9.77 -3.28 -10.92
CA ASN A 40 10.64 -2.94 -12.03
C ASN A 40 11.33 -4.25 -12.42
N PRO A 41 10.99 -4.80 -13.60
CA PRO A 41 11.48 -6.13 -14.00
C PRO A 41 13.00 -6.18 -14.03
N ALA A 42 13.63 -5.03 -14.20
CA ALA A 42 15.09 -4.94 -14.33
C ALA A 42 15.83 -4.62 -13.02
N HIS A 43 15.10 -4.33 -11.95
CA HIS A 43 15.76 -3.90 -10.71
C HIS A 43 15.36 -4.71 -9.50
N PHE A 44 16.27 -5.58 -9.08
CA PHE A 44 16.08 -6.44 -7.93
C PHE A 44 17.07 -6.05 -6.85
N SER A 45 16.77 -6.47 -5.63
CA SER A 45 17.70 -6.33 -4.53
C SER A 45 17.44 -7.49 -3.58
N HIS A 46 18.43 -8.36 -3.44
CA HIS A 46 18.36 -9.51 -2.54
C HIS A 46 17.14 -10.37 -2.82
N ASN A 47 16.82 -10.53 -4.09
CA ASN A 47 15.69 -11.35 -4.53
C ASN A 47 14.31 -10.74 -4.30
N ARG A 48 14.27 -9.49 -3.85
CA ARG A 48 13.00 -8.80 -3.68
C ARG A 48 12.79 -7.79 -4.79
N PRO A 49 11.53 -7.64 -5.25
CA PRO A 49 11.23 -6.63 -6.28
C PRO A 49 11.43 -5.20 -5.77
N VAL A 50 11.73 -4.27 -6.68
CA VAL A 50 11.90 -2.88 -6.30
C VAL A 50 11.00 -2.08 -7.23
N LEU A 51 10.29 -1.09 -6.68
CA LEU A 51 9.45 -0.26 -7.53
C LEU A 51 10.32 0.61 -8.46
N PRO A 52 9.74 1.01 -9.60
CA PRO A 52 10.38 2.06 -10.40
C PRO A 52 10.30 3.40 -9.67
N PRO A 53 11.18 4.35 -10.03
CA PRO A 53 11.10 5.65 -9.38
C PRO A 53 9.80 6.37 -9.71
N VAL A 54 9.37 7.25 -8.81
CA VAL A 54 8.38 8.25 -9.15
C VAL A 54 8.91 9.10 -10.32
N GLU A 55 8.11 9.28 -11.36
CA GLU A 55 8.54 10.09 -12.51
C GLU A 55 8.76 11.54 -12.11
N PRO A 56 9.99 12.05 -12.34
CA PRO A 56 10.57 13.35 -12.00
C PRO A 56 9.59 14.53 -11.98
N ASN A 57 9.22 15.04 -13.16
CA ASN A 57 8.39 16.23 -13.19
C ASN A 57 7.15 16.09 -14.06
N VAL A 58 6.26 15.19 -13.64
CA VAL A 58 4.92 15.10 -14.17
C VAL A 58 4.01 14.87 -12.97
N PRO A 59 2.70 15.10 -13.14
CA PRO A 59 1.86 14.69 -12.02
C PRO A 59 1.71 13.16 -12.00
N PRO A 60 1.27 12.57 -10.89
CA PRO A 60 1.21 11.10 -10.84
C PRO A 60 0.32 10.51 -11.94
N SER A 61 0.89 9.67 -12.78
CA SER A 61 0.20 9.16 -13.97
C SER A 61 0.07 7.64 -14.00
N ARG A 62 0.63 6.99 -12.99
CA ARG A 62 0.62 5.54 -12.94
C ARG A 62 -0.20 5.03 -11.74
N TRP A 63 -1.30 4.37 -12.04
CA TRP A 63 -2.27 3.94 -11.06
C TRP A 63 -2.65 2.49 -11.26
N PHE A 64 -3.05 1.81 -10.18
CA PHE A 64 -3.79 0.56 -10.29
C PHE A 64 -5.03 0.58 -9.41
N HIS A 65 -5.96 -0.32 -9.70
CA HIS A 65 -7.15 -0.48 -8.89
C HIS A 65 -7.12 -1.81 -8.15
N VAL A 66 -7.59 -1.77 -6.91
CA VAL A 66 -7.87 -2.97 -6.15
C VAL A 66 -9.38 -2.95 -5.97
N VAL A 67 -10.03 -4.06 -6.29
CA VAL A 67 -11.46 -4.20 -6.07
C VAL A 67 -11.69 -5.22 -4.96
N LEU A 68 -12.39 -4.80 -3.92
CA LEU A 68 -12.74 -5.67 -2.80
C LEU A 68 -14.24 -5.89 -2.84
N LYS A 69 -14.63 -7.17 -2.85
CA LYS A 69 -16.03 -7.55 -2.94
C LYS A 69 -16.41 -8.17 -1.63
N ALA A 70 -17.44 -7.63 -0.99
CA ALA A 70 -17.91 -8.15 0.30
C ALA A 70 -18.67 -9.45 0.10
N SER A 71 -19.03 -9.72 -1.15
CA SER A 71 -19.82 -10.90 -1.48
C SER A 71 -19.54 -11.32 -2.93
N PRO A 72 -19.69 -12.63 -3.22
CA PRO A 72 -19.48 -13.25 -4.52
C PRO A 72 -19.90 -12.40 -5.72
N THR A 73 -21.15 -11.93 -5.75
CA THR A 73 -21.67 -11.25 -6.93
C THR A 73 -21.77 -9.75 -6.75
N SER A 74 -21.75 -9.29 -5.51
CA SER A 74 -21.87 -7.87 -5.19
C SER A 74 -20.82 -7.03 -5.92
N ALA A 75 -21.21 -5.84 -6.35
CA ALA A 75 -20.25 -4.92 -6.92
C ALA A 75 -19.24 -4.63 -5.83
N GLY A 76 -18.01 -4.31 -6.21
CA GLY A 76 -16.99 -4.13 -5.20
C GLY A 76 -16.67 -2.68 -4.94
N LEU A 77 -15.90 -2.46 -3.89
CA LEU A 77 -15.33 -1.16 -3.60
C LEU A 77 -14.04 -1.03 -4.39
N THR A 78 -13.88 0.06 -5.12
CA THR A 78 -12.67 0.23 -5.93
C THR A 78 -11.69 1.20 -5.25
N LEU A 79 -10.44 0.78 -5.07
CA LEU A 79 -9.39 1.62 -4.50
C LEU A 79 -8.48 2.12 -5.60
N ALA A 80 -8.13 3.40 -5.58
CA ALA A 80 -7.19 3.91 -6.56
C ALA A 80 -5.86 4.09 -5.85
N ILE A 81 -4.88 3.31 -6.28
CA ILE A 81 -3.58 3.31 -5.61
C ILE A 81 -2.49 3.65 -6.61
N ARG A 82 -1.52 4.44 -6.18
CA ARG A 82 -0.42 4.82 -7.06
C ARG A 82 0.53 3.66 -7.30
N ALA A 83 0.89 3.43 -8.56
CA ALA A 83 1.79 2.33 -8.91
C ALA A 83 3.27 2.62 -8.63
N ASP A 84 3.62 3.87 -8.36
CA ASP A 84 5.01 4.21 -8.05
C ASP A 84 5.38 4.13 -6.55
N ASN A 85 4.43 4.47 -5.67
CA ASN A 85 4.74 4.42 -4.24
C ASN A 85 3.67 3.73 -3.36
N ILE A 86 2.67 3.13 -4.01
CA ILE A 86 1.61 2.37 -3.31
C ILE A 86 0.78 3.23 -2.33
N TYR A 87 0.61 4.52 -2.64
CA TYR A 87 -0.26 5.37 -1.84
C TYR A 87 -1.70 5.17 -2.22
N LEU A 88 -2.54 5.00 -1.21
CA LEU A 88 -3.98 5.05 -1.40
C LEU A 88 -4.40 6.53 -1.48
N GLU A 89 -5.08 6.90 -2.55
CA GLU A 89 -5.43 8.31 -2.78
C GLU A 89 -6.89 8.48 -3.09
N GLY A 90 -7.61 7.38 -3.30
CA GLY A 90 -9.00 7.46 -3.67
C GLY A 90 -9.78 6.17 -3.54
N PHE A 91 -11.10 6.29 -3.39
CA PHE A 91 -11.98 5.14 -3.45
C PHE A 91 -13.30 5.53 -4.09
N LYS A 92 -13.91 4.58 -4.81
CA LYS A 92 -15.18 4.83 -5.48
C LYS A 92 -16.32 4.17 -4.72
N SER A 93 -17.38 4.93 -4.50
CA SER A 93 -18.51 4.45 -3.71
C SER A 93 -19.58 3.87 -4.62
N SER A 94 -20.55 3.18 -4.04
CA SER A 94 -21.61 2.54 -4.82
C SER A 94 -22.43 3.52 -5.67
N ASP A 95 -22.54 4.77 -5.24
CA ASP A 95 -23.20 5.77 -6.08
C ASP A 95 -22.32 6.25 -7.25
N GLY A 96 -21.07 5.79 -7.27
CA GLY A 96 -20.15 6.15 -8.35
C GLY A 96 -19.28 7.38 -8.06
N THR A 97 -19.31 7.87 -6.82
CA THR A 97 -18.49 9.03 -6.45
C THR A 97 -17.05 8.65 -6.11
N TRP A 98 -16.10 9.39 -6.68
CA TRP A 98 -14.71 9.25 -6.31
C TRP A 98 -14.40 10.13 -5.13
N TRP A 99 -13.97 9.52 -4.03
CA TRP A 99 -13.52 10.24 -2.85
C TRP A 99 -12.00 10.21 -2.84
N GLU A 100 -11.38 11.38 -2.73
CA GLU A 100 -9.94 11.48 -2.78
C GLU A 100 -9.38 11.79 -1.38
N LEU A 101 -8.14 11.42 -1.14
CA LEU A 101 -7.53 11.65 0.18
C LEU A 101 -6.54 12.80 0.16
N THR A 102 -6.39 13.42 -0.99
CA THR A 102 -5.61 14.63 -1.14
C THR A 102 -6.44 15.64 -1.90
N PRO A 103 -6.67 16.83 -1.31
CA PRO A 103 -7.58 17.80 -1.92
C PRO A 103 -7.13 18.19 -3.33
N GLY A 104 -8.01 18.03 -4.30
CA GLY A 104 -7.76 18.43 -5.67
C GLY A 104 -6.79 17.56 -6.46
N LEU A 105 -6.61 16.31 -6.05
CA LEU A 105 -5.67 15.42 -6.75
C LEU A 105 -6.35 14.66 -7.89
N ILE A 106 -7.60 14.25 -7.69
CA ILE A 106 -8.29 13.42 -8.66
C ILE A 106 -9.42 14.15 -9.36
N PRO A 107 -9.32 14.29 -10.68
CA PRO A 107 -10.33 14.95 -11.51
C PRO A 107 -11.75 14.52 -11.14
N GLY A 108 -12.55 15.48 -10.69
CA GLY A 108 -13.94 15.23 -10.39
C GLY A 108 -14.21 14.60 -9.03
N ALA A 109 -13.17 14.32 -8.27
CA ALA A 109 -13.39 13.66 -6.98
C ALA A 109 -13.92 14.66 -5.95
N THR A 110 -14.39 14.14 -4.82
CA THR A 110 -14.72 14.95 -3.65
C THR A 110 -13.74 14.60 -2.53
N TYR A 111 -13.10 15.61 -1.94
CA TYR A 111 -12.17 15.40 -0.85
C TYR A 111 -12.91 14.73 0.31
N VAL A 112 -12.30 13.68 0.86
CA VAL A 112 -12.96 12.88 1.90
C VAL A 112 -12.97 13.60 3.26
N GLY A 113 -12.10 14.60 3.43
CA GLY A 113 -12.04 15.35 4.67
C GLY A 113 -10.82 15.03 5.52
N PHE A 114 -9.99 14.11 5.05
CA PHE A 114 -8.76 13.75 5.76
C PHE A 114 -7.82 13.06 4.77
N GLY A 115 -6.56 12.89 5.17
CA GLY A 115 -5.56 12.28 4.31
C GLY A 115 -5.25 10.85 4.72
N GLY A 116 -4.23 10.26 4.08
CA GLY A 116 -3.91 8.86 4.25
C GLY A 116 -2.73 8.54 5.16
N THR A 117 -2.24 9.55 5.88
CA THR A 117 -1.21 9.31 6.87
C THR A 117 -1.91 8.82 8.12
N TYR A 118 -1.23 8.01 8.92
CA TYR A 118 -1.80 7.52 10.17
C TYR A 118 -2.00 8.64 11.19
N ARG A 119 -1.20 9.71 11.07
CA ARG A 119 -1.36 10.93 11.85
C ARG A 119 -2.77 11.49 11.62
N ASP A 120 -3.12 11.65 10.36
CA ASP A 120 -4.46 12.07 9.97
C ASP A 120 -5.57 11.13 10.43
N LEU A 121 -5.33 9.83 10.32
CA LEU A 121 -6.41 8.86 10.50
C LEU A 121 -6.63 8.51 11.97
N LEU A 122 -5.55 8.51 12.74
CA LEU A 122 -5.61 8.04 14.12
C LEU A 122 -5.30 9.12 15.15
N GLY A 123 -4.80 10.26 14.69
CA GLY A 123 -4.38 11.33 15.59
C GLY A 123 -2.96 11.12 16.03
N ASP A 124 -2.69 9.94 16.56
CA ASP A 124 -1.36 9.56 17.01
C ASP A 124 -1.01 8.20 16.41
N THR A 125 0.17 8.10 15.80
CA THR A 125 0.58 6.88 15.13
C THR A 125 0.74 5.67 16.07
N ASP A 126 0.91 5.93 17.36
CA ASP A 126 1.07 4.85 18.34
C ASP A 126 -0.20 4.01 18.48
N LYS A 127 -1.31 4.55 18.00
CA LYS A 127 -2.61 3.90 18.11
C LYS A 127 -2.73 2.71 17.14
N LEU A 128 -1.72 2.57 16.28
CA LEU A 128 -1.73 1.60 15.20
C LEU A 128 -1.76 0.16 15.72
N THR A 129 -1.15 -0.06 16.88
CA THR A 129 -1.10 -1.38 17.50
C THR A 129 -2.36 -1.70 18.28
N ASN A 130 -3.38 -0.86 18.15
CA ASN A 130 -4.68 -1.12 18.76
C ASN A 130 -5.76 -1.29 17.71
N VAL A 131 -5.36 -1.22 16.44
CA VAL A 131 -6.31 -1.42 15.36
C VAL A 131 -6.47 -2.93 15.18
N ALA A 132 -7.71 -3.38 15.12
CA ALA A 132 -7.99 -4.81 15.05
C ALA A 132 -8.11 -5.23 13.59
N LEU A 133 -7.40 -6.28 13.23
CA LEU A 133 -7.45 -6.80 11.86
C LEU A 133 -8.04 -8.21 11.86
N GLY A 134 -8.76 -8.55 10.79
CA GLY A 134 -9.42 -9.84 10.68
C GLY A 134 -10.42 -9.82 9.55
N ARG A 135 -11.11 -10.92 9.33
CA ARG A 135 -12.05 -11.00 8.21
C ARG A 135 -13.24 -10.08 8.43
N GLN A 136 -13.72 -10.03 9.67
CA GLN A 136 -14.87 -9.19 9.98
C GLN A 136 -14.55 -7.71 9.77
N GLN A 137 -13.43 -7.27 10.31
CA GLN A 137 -12.97 -5.89 10.16
C GLN A 137 -12.86 -5.50 8.68
N LEU A 138 -12.25 -6.37 7.87
CA LEU A 138 -12.16 -6.17 6.44
C LEU A 138 -13.54 -6.00 5.80
N ALA A 139 -14.46 -6.93 6.07
CA ALA A 139 -15.82 -6.81 5.57
C ALA A 139 -16.53 -5.51 6.05
N ASP A 140 -16.36 -5.14 7.32
CA ASP A 140 -16.96 -3.91 7.86
C ASP A 140 -16.38 -2.67 7.21
N ALA A 141 -15.06 -2.68 6.98
CA ALA A 141 -14.39 -1.54 6.36
C ALA A 141 -14.88 -1.33 4.93
N VAL A 142 -15.04 -2.43 4.20
CA VAL A 142 -15.45 -2.36 2.80
C VAL A 142 -16.90 -1.88 2.69
N THR A 143 -17.75 -2.40 3.58
CA THR A 143 -19.16 -2.05 3.57
C THR A 143 -19.35 -0.58 3.95
N ALA A 144 -18.59 -0.11 4.93
CA ALA A 144 -18.69 1.25 5.41
C ALA A 144 -18.29 2.27 4.33
N LEU A 145 -17.29 1.94 3.53
CA LEU A 145 -16.85 2.87 2.49
C LEU A 145 -17.68 2.76 1.21
N HIS A 146 -18.14 1.55 0.90
CA HIS A 146 -19.03 1.32 -0.25
C HIS A 146 -20.39 2.01 -0.05
N GLY A 147 -20.82 2.12 1.21
CA GLY A 147 -22.10 2.73 1.56
C GLY A 147 -22.01 4.20 1.92
N ARG A 148 -20.83 4.77 1.76
CA ARG A 148 -20.61 6.19 2.02
C ARG A 148 -21.45 7.07 1.11
N THR A 149 -22.17 8.01 1.71
CA THR A 149 -22.92 9.03 0.98
C THR A 149 -22.26 10.40 1.21
N LYS A 150 -22.58 11.36 0.35
CA LYS A 150 -22.01 12.69 0.48
C LYS A 150 -22.37 13.35 1.81
N ALA A 151 -23.54 13.01 2.35
CA ALA A 151 -23.99 13.58 3.62
C ALA A 151 -23.21 13.06 4.81
N ASP A 152 -22.37 12.05 4.58
CA ASP A 152 -21.61 11.47 5.67
C ASP A 152 -20.46 12.38 6.06
N LYS A 153 -20.09 13.26 5.13
CA LYS A 153 -18.97 14.18 5.34
C LYS A 153 -19.17 15.23 6.46
N PRO A 154 -20.40 15.75 6.64
CA PRO A 154 -20.64 16.66 7.78
C PRO A 154 -21.01 15.98 9.09
N SER A 155 -20.86 14.66 9.14
CA SER A 155 -21.14 13.91 10.36
C SER A 155 -19.85 13.49 11.06
N GLY A 156 -19.61 14.02 12.26
CA GLY A 156 -18.45 13.68 13.05
C GLY A 156 -18.21 12.18 13.26
N PRO A 157 -19.24 11.45 13.75
CA PRO A 157 -19.09 10.00 13.94
C PRO A 157 -18.92 9.20 12.65
N LYS A 158 -19.62 9.58 11.57
CA LYS A 158 -19.39 8.96 10.26
C LYS A 158 -17.95 9.17 9.75
N GLN A 159 -17.42 10.39 9.96
CA GLN A 159 -16.05 10.69 9.55
C GLN A 159 -15.07 9.84 10.33
N GLN A 160 -15.39 9.56 11.59
CA GLN A 160 -14.53 8.73 12.43
C GLN A 160 -14.52 7.27 11.96
N GLN A 161 -15.69 6.78 11.58
CA GLN A 161 -15.82 5.42 11.09
C GLN A 161 -15.09 5.28 9.75
N ALA A 162 -15.24 6.28 8.87
CA ALA A 162 -14.55 6.26 7.59
C ALA A 162 -13.03 6.21 7.80
N ARG A 163 -12.52 6.97 8.76
CA ARG A 163 -11.10 6.93 9.06
C ARG A 163 -10.66 5.53 9.53
N GLU A 164 -11.48 4.88 10.33
CA GLU A 164 -11.14 3.56 10.85
C GLU A 164 -11.15 2.52 9.74
N ALA A 165 -12.03 2.73 8.77
CA ALA A 165 -12.20 1.85 7.63
C ALA A 165 -11.02 1.98 6.65
N VAL A 166 -10.62 3.22 6.37
CA VAL A 166 -9.46 3.50 5.54
C VAL A 166 -8.19 2.94 6.20
N THR A 167 -8.07 3.13 7.51
CA THR A 167 -6.92 2.62 8.26
C THR A 167 -6.79 1.10 8.13
N THR A 168 -7.91 0.42 8.24
CA THR A 168 -8.01 -1.03 8.04
C THR A 168 -7.57 -1.49 6.64
N LEU A 169 -8.05 -0.82 5.61
CA LEU A 169 -7.67 -1.12 4.23
C LEU A 169 -6.18 -0.90 4.00
N LEU A 170 -5.66 0.21 4.54
CA LEU A 170 -4.24 0.52 4.45
C LEU A 170 -3.36 -0.61 4.98
N LEU A 171 -3.71 -1.14 6.15
CA LEU A 171 -2.95 -2.23 6.76
C LEU A 171 -3.09 -3.57 6.02
N MET A 172 -4.31 -3.88 5.59
CA MET A 172 -4.57 -5.20 5.01
C MET A 172 -4.29 -5.27 3.51
N VAL A 173 -4.26 -4.11 2.85
CA VAL A 173 -3.90 -4.02 1.43
C VAL A 173 -2.51 -3.40 1.16
N ASN A 174 -2.35 -2.10 1.44
CA ASN A 174 -1.10 -1.40 1.15
C ASN A 174 0.12 -1.89 1.92
N GLU A 175 0.02 -1.99 3.24
CA GLU A 175 1.16 -2.42 4.03
C GLU A 175 1.46 -3.89 3.83
N ALA A 176 0.43 -4.68 3.61
CA ALA A 176 0.59 -6.10 3.32
C ALA A 176 1.38 -6.30 2.01
N THR A 177 1.12 -5.45 1.01
CA THR A 177 1.90 -5.49 -0.23
C THR A 177 3.36 -5.15 0.05
N ARG A 178 3.59 -4.12 0.86
CA ARG A 178 4.94 -3.63 1.17
C ARG A 178 5.75 -4.59 2.04
N PHE A 179 5.07 -5.32 2.92
CA PHE A 179 5.74 -6.11 3.95
C PHE A 179 5.28 -7.58 4.02
N GLN A 180 6.23 -8.50 3.93
CA GLN A 180 5.95 -9.91 4.10
C GLN A 180 5.49 -10.22 5.51
N THR A 181 6.00 -9.46 6.47
CA THR A 181 5.59 -9.64 7.87
C THR A 181 4.12 -9.32 8.02
N VAL A 182 3.68 -8.22 7.43
CA VAL A 182 2.27 -7.87 7.46
C VAL A 182 1.37 -8.81 6.63
N SER A 183 1.75 -9.12 5.39
CA SER A 183 0.93 -10.00 4.57
C SER A 183 0.82 -11.39 5.21
N GLY A 184 1.92 -11.88 5.78
CA GLY A 184 1.93 -13.16 6.48
C GLY A 184 1.02 -13.14 7.69
N PHE A 185 1.11 -12.07 8.46
CA PHE A 185 0.28 -11.86 9.66
C PHE A 185 -1.19 -11.88 9.30
N VAL A 186 -1.55 -11.14 8.24
CA VAL A 186 -2.94 -11.13 7.78
C VAL A 186 -3.43 -12.47 7.23
N ALA A 187 -2.60 -13.16 6.42
CA ALA A 187 -2.99 -14.47 5.90
C ALA A 187 -3.37 -15.42 7.03
N GLY A 188 -2.60 -15.38 8.11
CA GLY A 188 -2.87 -16.15 9.32
C GLY A 188 -4.22 -15.88 9.96
N LEU A 189 -4.66 -14.62 9.96
CA LEU A 189 -5.97 -14.28 10.52
C LEU A 189 -7.14 -14.83 9.70
N LEU A 190 -6.84 -15.25 8.47
CA LEU A 190 -7.88 -15.70 7.53
C LEU A 190 -7.95 -17.22 7.42
N HIS A 191 -7.18 -17.90 8.27
CA HIS A 191 -7.14 -19.35 8.31
C HIS A 191 -8.30 -19.85 9.16
N PRO A 192 -8.91 -20.98 8.76
CA PRO A 192 -10.01 -21.64 9.47
C PRO A 192 -9.70 -21.89 10.95
N LYS A 198 -11.42 -14.64 14.83
CA LYS A 198 -10.27 -14.40 13.96
C LYS A 198 -9.87 -12.93 13.95
N SER A 199 -9.30 -12.46 15.07
CA SER A 199 -8.90 -11.08 15.22
C SER A 199 -7.47 -10.95 15.76
N GLY A 200 -6.76 -9.92 15.29
CA GLY A 200 -5.40 -9.68 15.74
C GLY A 200 -4.98 -8.22 15.58
N LYS A 201 -3.92 -7.85 16.29
CA LYS A 201 -3.36 -6.53 16.23
C LYS A 201 -1.86 -6.64 16.02
N ILE A 202 -1.28 -5.77 15.20
CA ILE A 202 0.17 -5.86 14.97
C ILE A 202 0.97 -5.47 16.22
N GLY A 203 2.18 -5.98 16.32
CA GLY A 203 3.05 -5.66 17.42
C GLY A 203 3.80 -4.36 17.17
N ASN A 204 4.78 -4.07 18.01
CA ASN A 204 5.53 -2.81 17.89
C ASN A 204 6.59 -2.87 16.81
N GLU A 205 7.07 -4.06 16.51
CA GLU A 205 8.02 -4.25 15.43
C GLU A 205 7.40 -4.01 14.07
N MET A 206 6.21 -4.53 13.84
CA MET A 206 5.50 -4.30 12.59
C MET A 206 5.13 -2.83 12.45
N LYS A 207 4.81 -2.19 13.57
CA LYS A 207 4.48 -0.77 13.56
C LYS A 207 5.70 0.05 13.16
N ALA A 208 6.87 -0.34 13.66
CA ALA A 208 8.08 0.37 13.31
C ALA A 208 8.46 0.14 11.85
N GLN A 209 8.19 -1.05 11.32
CA GLN A 209 8.48 -1.37 9.91
C GLN A 209 7.60 -0.54 8.99
N VAL A 210 6.30 -0.48 9.33
CA VAL A 210 5.31 0.23 8.54
C VAL A 210 5.60 1.72 8.53
N ASN A 211 6.14 2.24 9.63
CA ASN A 211 6.53 3.65 9.70
C ASN A 211 7.90 3.92 9.09
N GLY A 212 8.61 2.87 8.70
CA GLY A 212 9.94 3.03 8.15
C GLY A 212 10.23 2.35 6.83
N TRP A 213 9.24 2.32 5.95
CA TRP A 213 9.36 1.64 4.67
C TRP A 213 10.54 2.19 3.86
N GLN A 214 10.62 3.52 3.75
CA GLN A 214 11.72 4.17 3.03
C GLN A 214 13.09 3.81 3.62
N ASP A 215 13.25 3.97 4.92
CA ASP A 215 14.49 3.63 5.61
C ASP A 215 14.94 2.19 5.39
N LEU A 216 14.01 1.25 5.51
CA LEU A 216 14.32 -0.17 5.39
C LEU A 216 14.62 -0.51 3.93
N SER A 217 13.91 0.13 3.01
CA SER A 217 14.18 -0.03 1.59
C SER A 217 15.57 0.50 1.25
N ALA A 218 15.82 1.76 1.61
CA ALA A 218 17.12 2.40 1.38
C ALA A 218 18.28 1.62 1.97
N ALA A 219 18.06 0.97 3.12
CA ALA A 219 19.11 0.20 3.79
C ALA A 219 19.49 -1.12 3.08
N LEU A 220 18.54 -1.72 2.38
CA LEU A 220 18.82 -2.88 1.56
C LEU A 220 19.56 -2.43 0.31
N LEU A 221 19.09 -1.34 -0.29
CA LEU A 221 19.70 -0.86 -1.53
C LEU A 221 21.19 -0.51 -1.36
N LYS A 222 21.53 0.02 -0.20
CA LYS A 222 22.92 0.42 0.09
C LYS A 222 23.89 -0.76 0.01
N THR A 223 23.44 -1.91 0.47
CA THR A 223 24.28 -3.10 0.48
C THR A 223 24.62 -3.57 -0.95
N ASP A 224 23.95 -3.00 -1.95
CA ASP A 224 24.11 -3.45 -3.35
C ASP A 224 25.13 -2.62 -4.13
N VAL A 225 25.49 -1.46 -3.59
CA VAL A 225 26.45 -0.61 -4.26
C VAL A 225 27.80 -1.32 -4.35
N LYS A 226 28.41 -1.30 -5.53
CA LYS A 226 29.72 -1.90 -5.68
C LYS A 226 30.76 -1.08 -4.90
N PRO A 227 31.51 -1.75 -4.02
CA PRO A 227 32.48 -1.11 -3.12
C PRO A 227 33.59 -0.37 -3.89
N PRO A 228 34.26 0.59 -3.23
CA PRO A 228 35.30 1.42 -3.87
C PRO A 228 36.40 0.62 -4.55
N ALA A 234 30.66 -2.94 2.37
CA ALA A 234 29.51 -2.13 2.80
C ALA A 234 28.53 -2.99 3.58
N LYS A 235 28.38 -2.67 4.87
CA LYS A 235 27.57 -3.49 5.76
C LYS A 235 26.17 -2.92 5.96
N PHE A 236 25.28 -3.75 6.51
CA PHE A 236 23.90 -3.37 6.74
C PHE A 236 23.74 -2.62 8.07
N ALA A 237 23.19 -1.42 8.01
CA ALA A 237 22.88 -0.67 9.23
C ALA A 237 21.64 -1.27 9.89
N PRO A 238 21.79 -1.76 11.13
CA PRO A 238 20.64 -2.34 11.83
C PRO A 238 19.57 -1.31 12.18
N ILE A 239 18.33 -1.78 12.20
CA ILE A 239 17.25 -0.96 12.72
C ILE A 239 16.56 -1.74 13.83
N GLU A 240 17.01 -1.45 15.05
CA GLU A 240 16.63 -2.18 16.26
C GLU A 240 15.13 -2.26 16.49
N LYS A 241 14.45 -1.13 16.36
CA LYS A 241 13.03 -1.05 16.70
C LYS A 241 12.14 -1.88 15.76
N MET A 242 12.68 -2.23 14.60
CA MET A 242 11.97 -3.08 13.65
C MET A 242 12.32 -4.55 13.89
N GLY A 243 13.38 -4.79 14.64
CA GLY A 243 13.87 -6.14 14.88
C GLY A 243 14.73 -6.65 13.73
N VAL A 244 15.16 -5.74 12.87
CA VAL A 244 15.87 -6.10 11.65
C VAL A 244 17.36 -5.78 11.73
N ARG A 245 18.18 -6.81 11.92
CA ARG A 245 19.60 -6.61 12.18
C ARG A 245 20.52 -7.03 11.05
N THR A 246 19.96 -7.65 10.01
CA THR A 246 20.77 -8.12 8.88
C THR A 246 20.08 -7.92 7.54
N ALA A 247 20.86 -7.94 6.47
CA ALA A 247 20.36 -7.82 5.10
C ALA A 247 19.30 -8.88 4.82
N VAL A 248 19.57 -10.10 5.30
CA VAL A 248 18.67 -11.22 5.11
C VAL A 248 17.34 -11.06 5.85
N GLN A 249 17.37 -10.55 7.09
CA GLN A 249 16.12 -10.29 7.82
C GLN A 249 15.33 -9.19 7.12
N ALA A 250 16.04 -8.25 6.52
CA ALA A 250 15.42 -7.15 5.78
C ALA A 250 14.78 -7.67 4.49
N ALA A 251 15.50 -8.52 3.77
CA ALA A 251 15.00 -9.15 2.56
C ALA A 251 13.80 -10.03 2.88
N ASN A 252 13.78 -10.62 4.07
CA ASN A 252 12.65 -11.44 4.48
C ASN A 252 11.46 -10.62 5.02
N THR A 253 11.72 -9.37 5.35
CA THR A 253 10.68 -8.49 5.90
C THR A 253 9.99 -7.71 4.79
N LEU A 254 10.76 -7.35 3.76
CA LEU A 254 10.27 -6.53 2.68
C LEU A 254 9.57 -7.34 1.60
N GLY A 255 8.38 -6.88 1.20
CA GLY A 255 7.67 -7.48 0.10
C GLY A 255 8.04 -6.82 -1.20
N ILE A 256 8.11 -5.49 -1.19
CA ILE A 256 8.58 -4.72 -2.34
C ILE A 256 9.16 -3.43 -1.82
N LEU A 257 10.28 -3.03 -2.40
CA LEU A 257 11.02 -1.89 -1.94
C LEU A 257 10.52 -0.64 -2.64
N LEU A 258 10.47 0.46 -1.91
CA LEU A 258 10.36 1.77 -2.53
C LEU A 258 11.70 2.06 -3.20
N PHE A 259 11.67 2.64 -4.39
CA PHE A 259 12.92 3.11 -4.98
C PHE A 259 13.48 4.29 -4.18
N VAL A 260 14.74 4.19 -3.81
CA VAL A 260 15.45 5.31 -3.17
C VAL A 260 16.80 5.52 -3.84
N GLU A 261 17.09 6.78 -4.16
CA GLU A 261 18.36 7.14 -4.79
C GLU A 261 19.48 7.09 -3.77
N VAL A 262 20.18 5.97 -3.69
CA VAL A 262 21.30 5.84 -2.77
C VAL A 262 22.61 6.12 -3.48
N PRO A 263 23.61 6.63 -2.74
CA PRO A 263 24.94 6.93 -3.30
C PRO A 263 25.63 5.70 -3.91
N GLY A 264 25.89 5.76 -5.20
CA GLY A 264 26.56 4.65 -5.88
C GLY A 264 25.63 3.59 -6.44
N GLY A 265 24.33 3.74 -6.20
CA GLY A 265 23.33 2.86 -6.80
C GLY A 265 22.70 3.57 -7.98
N LEU A 266 21.66 2.98 -8.55
CA LEU A 266 20.95 3.59 -9.68
C LEU A 266 20.38 4.97 -9.35
N THR A 267 20.45 5.88 -10.31
CA THR A 267 19.79 7.18 -10.20
C THR A 267 18.33 7.07 -10.66
N VAL A 268 17.53 8.09 -10.37
CA VAL A 268 16.16 8.13 -10.85
C VAL A 268 16.11 7.94 -12.38
N ALA A 269 16.86 8.76 -13.12
CA ALA A 269 16.89 8.70 -14.58
C ALA A 269 17.21 7.32 -15.14
N LYS A 270 18.28 6.71 -14.64
CA LYS A 270 18.75 5.42 -15.14
C LYS A 270 17.75 4.29 -14.86
N ALA A 271 17.34 4.15 -13.60
CA ALA A 271 16.34 3.14 -13.23
C ALA A 271 15.06 3.31 -14.04
N LEU A 272 14.71 4.53 -14.40
CA LEU A 272 13.53 4.75 -15.22
C LEU A 272 13.71 4.31 -16.67
N GLU A 273 14.91 4.46 -17.21
CA GLU A 273 15.14 4.06 -18.58
C GLU A 273 15.20 2.54 -18.64
N LEU A 274 15.69 1.93 -17.57
CA LEU A 274 15.74 0.47 -17.49
C LEU A 274 14.32 -0.09 -17.37
N PHE A 275 13.45 0.69 -16.74
CA PHE A 275 12.05 0.32 -16.60
C PHE A 275 11.38 0.24 -17.96
N HIS A 276 11.50 1.31 -18.72
CA HIS A 276 10.90 1.39 -20.05
C HIS A 276 11.46 0.36 -21.02
N ALA A 277 12.78 0.23 -21.05
CA ALA A 277 13.43 -0.74 -21.95
C ALA A 277 13.08 -2.19 -21.65
N SER A 278 12.53 -2.45 -20.47
CA SER A 278 12.32 -3.84 -20.03
C SER A 278 10.88 -4.31 -20.21
N GLY A 279 10.05 -3.46 -20.80
CA GLY A 279 8.65 -3.76 -20.96
C GLY A 279 7.81 -3.39 -19.75
N GLY A 280 8.15 -2.29 -19.09
CA GLY A 280 7.39 -1.78 -17.96
C GLY A 280 6.67 -0.51 -18.32
N LYS A 281 5.45 -0.32 -17.83
CA LYS A 281 4.66 0.88 -18.10
C LYS A 281 3.97 1.37 -16.82
P AMP B . 5.59 10.97 4.69
O1P AMP B . 4.54 11.89 5.27
O2P AMP B . 6.16 11.29 3.33
O3P AMP B . 6.72 10.77 5.71
O5' AMP B . 5.04 9.47 4.69
C5' AMP B . 5.84 8.40 5.15
C4' AMP B . 5.25 7.07 4.78
O4' AMP B . 3.83 7.05 5.10
C3' AMP B . 5.29 6.71 3.30
O3' AMP B . 6.56 6.25 2.87
C2' AMP B . 4.19 5.66 3.21
O2' AMP B . 4.68 4.42 3.71
C1' AMP B . 3.16 6.19 4.20
N9 AMP B . 2.06 6.93 3.55
C8 AMP B . 1.86 8.27 3.54
N7 AMP B . 0.74 8.60 2.84
C5 AMP B . 0.20 7.46 2.39
C6 AMP B . -0.98 7.06 1.59
N6 AMP B . -1.86 7.97 1.09
N1 AMP B . -1.17 5.74 1.35
C2 AMP B . -0.33 4.80 1.80
N3 AMP B . 0.77 5.09 2.54
C4 AMP B . 1.08 6.37 2.86
#